data_1NST
#
_entry.id   1NST
#
_cell.length_a   45.417
_cell.length_b   54.501
_cell.length_c   68.938
_cell.angle_alpha   90.00
_cell.angle_beta   100.05
_cell.angle_gamma   90.00
#
_symmetry.space_group_name_H-M   'P 1 21 1'
#
loop_
_entity.id
_entity.type
_entity.pdbx_description
1 polymer 'HEPARAN SULFATE N-DEACETYLASE/N-SULFOTRANSFERASE'
2 non-polymer "ADENOSINE-3'-5'-DIPHOSPHATE"
3 water water
#
_entity_poly.entity_id   1
_entity_poly.type   'polypeptide(L)'
_entity_poly.pdbx_seq_one_letter_code
;LQTLPPVQLAQKYFQIFSEEKDPLWQDPCEDKRHKDIWSKEKTCDRFPKLLIIGPQKTGTTALYLFLGMHPDLSSNYPSS
ETFEEIQFFNGHNYHKGIDWYMEFFPIPSNTTSDFYFEKSANYFDSEVAPRRAAALLPKAKVLTILINPADRAYSWYQHQ
RAHDDPVALKYTFHEVITAGSDASSKLRALQNRCLVPGWYATHIERWLSAYHANQILVLDGKLLRTEPAKVMDMVQKFLG
VTNTIDYHKTLAFDPKKGFWCQLLEGGKTKCLGKSKGRKYPEMDLDSRAFLKDYYRDHNIELSKLLYKMGQTLPTWLRED
LQNTR
;
_entity_poly.pdbx_strand_id   A
#
loop_
_chem_comp.id
_chem_comp.type
_chem_comp.name
_chem_comp.formula
A3P RNA linking ADENOSINE-3'-5'-DIPHOSPHATE 'C10 H15 N5 O10 P2'
#
# COMPACT_ATOMS: atom_id res chain seq x y z
N ASP A 22 -14.56 14.05 17.99
CA ASP A 22 -13.59 12.97 17.64
C ASP A 22 -13.14 12.20 18.88
N PRO A 23 -13.36 10.88 18.91
CA PRO A 23 -12.96 10.06 20.06
C PRO A 23 -11.58 9.42 19.86
N LEU A 24 -11.20 8.55 20.78
CA LEU A 24 -9.93 7.83 20.70
C LEU A 24 -10.11 6.49 21.43
N TRP A 25 -10.74 5.56 20.71
CA TRP A 25 -11.02 4.24 21.24
C TRP A 25 -9.74 3.64 21.82
N GLN A 26 -9.77 3.28 23.10
CA GLN A 26 -8.59 2.71 23.76
C GLN A 26 -8.56 1.19 23.63
N ASP A 27 -7.42 0.59 23.98
CA ASP A 27 -7.27 -0.86 23.94
C ASP A 27 -8.25 -1.50 24.91
N PRO A 28 -9.28 -2.21 24.39
CA PRO A 28 -10.28 -2.86 25.23
C PRO A 28 -9.74 -3.92 26.21
N CYS A 29 -8.52 -4.39 25.97
CA CYS A 29 -7.95 -5.42 26.84
C CYS A 29 -6.64 -4.99 27.51
N CYS A 44 -11.10 -9.51 22.29
CA CYS A 44 -9.67 -9.14 22.05
C CYS A 44 -9.15 -9.89 20.84
N ASP A 45 -9.19 -11.22 20.90
CA ASP A 45 -8.69 -12.07 19.82
C ASP A 45 -9.36 -11.76 18.47
N ARG A 46 -10.46 -11.02 18.51
CA ARG A 46 -11.20 -10.67 17.30
C ARG A 46 -10.78 -9.31 16.76
N PHE A 47 -9.48 -9.03 16.80
CA PHE A 47 -8.95 -7.77 16.31
C PHE A 47 -7.82 -8.08 15.34
N PRO A 48 -7.62 -7.21 14.34
CA PRO A 48 -6.53 -7.50 13.40
C PRO A 48 -5.18 -7.37 14.11
N LYS A 49 -4.21 -8.19 13.70
CA LYS A 49 -2.89 -8.12 14.30
C LYS A 49 -1.88 -7.48 13.36
N LEU A 50 -2.32 -7.23 12.12
CA LEU A 50 -1.47 -6.59 11.12
C LEU A 50 -2.30 -5.59 10.33
N LEU A 51 -1.69 -4.44 10.05
CA LEU A 51 -2.32 -3.39 9.28
C LEU A 51 -1.46 -3.03 8.07
N ILE A 52 -2.00 -3.22 6.87
CA ILE A 52 -1.28 -2.84 5.65
C ILE A 52 -1.87 -1.47 5.29
N ILE A 53 -1.11 -0.45 5.61
CA ILE A 53 -1.52 0.93 5.42
C ILE A 53 -1.35 1.58 4.04
N GLY A 54 -0.88 0.84 3.04
CA GLY A 54 -0.70 1.45 1.73
C GLY A 54 0.73 1.88 1.49
N PRO A 55 0.94 2.98 0.73
CA PRO A 55 -0.10 3.79 0.10
C PRO A 55 -0.80 3.09 -1.08
N GLN A 56 -1.58 3.85 -1.85
CA GLN A 56 -2.32 3.30 -2.98
C GLN A 56 -1.48 3.10 -4.22
N LYS A 57 -1.85 2.10 -5.00
CA LYS A 57 -1.17 1.78 -6.25
C LYS A 57 0.26 1.30 -6.07
N THR A 58 0.53 0.60 -4.97
CA THR A 58 1.86 0.08 -4.69
C THR A 58 1.86 -1.46 -4.72
N GLY A 59 0.67 -2.05 -4.91
CA GLY A 59 0.57 -3.50 -4.94
C GLY A 59 -0.02 -4.05 -3.66
N THR A 60 -0.84 -3.24 -2.99
CA THR A 60 -1.46 -3.65 -1.73
C THR A 60 -2.46 -4.79 -1.87
N THR A 61 -3.24 -4.79 -2.93
CA THR A 61 -4.23 -5.84 -3.15
C THR A 61 -3.58 -7.19 -3.37
N ALA A 62 -2.42 -7.18 -4.05
CA ALA A 62 -1.68 -8.41 -4.32
C ALA A 62 -1.08 -8.97 -3.03
N LEU A 63 -0.52 -8.10 -2.19
CA LEU A 63 0.06 -8.55 -0.94
C LEU A 63 -1.07 -9.13 -0.12
N TYR A 64 -2.17 -8.40 -0.11
CA TYR A 64 -3.39 -8.75 0.61
C TYR A 64 -3.96 -10.10 0.15
N LEU A 65 -3.90 -10.35 -1.14
CA LEU A 65 -4.42 -11.57 -1.71
C LEU A 65 -3.51 -12.77 -1.42
N PHE A 66 -2.21 -12.59 -1.64
CA PHE A 66 -1.22 -13.63 -1.41
C PHE A 66 -1.13 -14.03 0.07
N LEU A 67 -1.20 -13.04 0.95
CA LEU A 67 -1.14 -13.28 2.39
C LEU A 67 -2.33 -14.12 2.86
N GLY A 68 -3.50 -13.86 2.26
CA GLY A 68 -4.70 -14.59 2.62
C GLY A 68 -4.59 -16.06 2.24
N MET A 69 -3.66 -16.38 1.35
CA MET A 69 -3.49 -17.75 0.92
C MET A 69 -2.89 -18.61 2.03
N HIS A 70 -2.16 -17.99 2.94
CA HIS A 70 -1.56 -18.73 4.06
C HIS A 70 -2.65 -19.17 5.03
N PRO A 71 -2.87 -20.49 5.13
CA PRO A 71 -3.90 -21.06 6.02
C PRO A 71 -4.00 -20.47 7.43
N ASP A 72 -2.91 -19.90 7.93
CA ASP A 72 -2.89 -19.35 9.29
C ASP A 72 -3.28 -17.88 9.41
N LEU A 73 -3.24 -17.18 8.27
CA LEU A 73 -3.57 -15.76 8.20
C LEU A 73 -4.95 -15.57 7.58
N SER A 74 -5.76 -14.72 8.21
CA SER A 74 -7.11 -14.48 7.73
C SER A 74 -7.44 -13.01 7.58
N SER A 75 -7.91 -12.66 6.39
CA SER A 75 -8.28 -11.28 6.12
C SER A 75 -9.72 -11.05 6.60
N ASN A 76 -10.13 -9.79 6.54
CA ASN A 76 -11.45 -9.35 6.93
C ASN A 76 -12.43 -9.69 5.80
N TYR A 77 -13.72 -9.55 6.08
CA TYR A 77 -14.72 -9.82 5.06
C TYR A 77 -14.96 -8.49 4.36
N PRO A 78 -15.14 -8.51 3.03
CA PRO A 78 -15.37 -7.32 2.21
C PRO A 78 -16.55 -6.42 2.56
N SER A 79 -16.37 -5.15 2.24
CA SER A 79 -17.39 -4.14 2.47
C SER A 79 -18.06 -3.90 1.12
N SER A 80 -19.37 -3.69 1.13
CA SER A 80 -20.10 -3.44 -0.11
C SER A 80 -19.83 -2.04 -0.62
N GLU A 81 -19.14 -1.24 0.19
CA GLU A 81 -18.82 0.13 -0.17
C GLU A 81 -17.33 0.32 -0.41
N THR A 82 -16.48 -0.32 0.40
CA THR A 82 -15.04 -0.19 0.22
C THR A 82 -14.33 -1.48 -0.19
N PHE A 83 -15.10 -2.52 -0.50
CA PHE A 83 -14.55 -3.80 -0.93
C PHE A 83 -13.60 -4.39 0.08
N GLU A 84 -12.48 -4.93 -0.42
CA GLU A 84 -11.47 -5.52 0.45
C GLU A 84 -11.00 -4.62 1.60
N GLU A 85 -11.14 -3.30 1.42
CA GLU A 85 -10.69 -2.37 2.44
C GLU A 85 -11.76 -2.09 3.50
N ILE A 86 -11.31 -1.70 4.68
CA ILE A 86 -12.22 -1.39 5.77
C ILE A 86 -12.29 0.11 5.92
N GLN A 87 -11.11 0.74 5.87
CA GLN A 87 -11.01 2.19 6.00
C GLN A 87 -11.68 2.71 7.26
N PHE A 88 -11.24 2.19 8.40
CA PHE A 88 -11.79 2.58 9.69
C PHE A 88 -11.09 3.78 10.32
N PHE A 89 -9.78 3.66 10.52
CA PHE A 89 -9.00 4.72 11.15
C PHE A 89 -8.83 6.04 10.39
N ASN A 90 -8.85 5.99 9.07
CA ASN A 90 -8.64 7.19 8.27
C ASN A 90 -9.65 8.33 8.36
N GLY A 91 -10.92 8.07 8.09
CA GLY A 91 -11.89 9.16 8.12
C GLY A 91 -13.16 9.03 8.92
N HIS A 92 -14.28 9.27 8.26
CA HIS A 92 -15.59 9.25 8.88
C HIS A 92 -16.07 7.91 9.46
N ASN A 93 -15.49 6.81 9.03
CA ASN A 93 -15.95 5.51 9.55
C ASN A 93 -15.49 5.23 10.98
N TYR A 94 -14.42 5.92 11.39
CA TYR A 94 -13.85 5.73 12.72
C TYR A 94 -14.75 6.14 13.89
N HIS A 95 -15.61 7.13 13.68
CA HIS A 95 -16.49 7.56 14.76
C HIS A 95 -17.66 6.59 14.96
N LYS A 96 -17.61 5.46 14.27
CA LYS A 96 -18.67 4.46 14.37
C LYS A 96 -18.43 3.47 15.51
N GLY A 97 -17.24 3.51 16.07
CA GLY A 97 -17.01 2.66 17.16
C GLY A 97 -16.30 1.39 16.79
N ILE A 98 -15.83 0.83 17.86
CA ILE A 98 -15.05 -0.35 17.92
C ILE A 98 -15.83 -1.58 17.45
N ASP A 99 -17.11 -1.65 17.79
CA ASP A 99 -17.88 -2.82 17.40
C ASP A 99 -18.08 -2.89 15.88
N TRP A 100 -18.18 -1.71 15.26
CA TRP A 100 -18.36 -1.61 13.82
C TRP A 100 -17.14 -2.24 13.15
N TYR A 101 -15.97 -1.95 13.71
CA TYR A 101 -14.70 -2.46 13.21
C TYR A 101 -14.58 -3.97 13.41
N MET A 102 -14.84 -4.44 14.63
CA MET A 102 -14.74 -5.86 14.97
C MET A 102 -15.60 -6.78 14.10
N GLU A 103 -16.77 -6.29 13.68
CA GLU A 103 -17.70 -7.07 12.86
C GLU A 103 -17.08 -7.57 11.56
N PHE A 104 -16.08 -6.84 11.09
CA PHE A 104 -15.41 -7.19 9.83
C PHE A 104 -14.56 -8.45 9.94
N PHE A 105 -14.24 -8.84 11.16
CA PHE A 105 -13.39 -10.00 11.37
C PHE A 105 -14.07 -11.25 11.89
N PRO A 106 -13.53 -12.42 11.49
CA PRO A 106 -14.08 -13.70 11.91
C PRO A 106 -14.02 -13.76 13.40
N ILE A 107 -14.85 -14.66 13.87
CA ILE A 107 -15.14 -14.86 15.26
C ILE A 107 -14.29 -15.83 16.02
N SER A 113 -6.43 -20.81 11.78
CA SER A 113 -6.45 -19.33 11.63
C SER A 113 -6.68 -18.63 12.98
N ASP A 114 -5.80 -17.70 13.33
CA ASP A 114 -5.90 -16.96 14.60
C ASP A 114 -5.10 -15.67 14.50
N PHE A 115 -4.94 -15.19 13.28
CA PHE A 115 -4.17 -13.98 13.03
C PHE A 115 -4.86 -13.25 11.88
N TYR A 116 -5.54 -12.16 12.20
CA TYR A 116 -6.25 -11.40 11.18
C TYR A 116 -5.49 -10.16 10.74
N PHE A 117 -5.80 -9.70 9.53
CA PHE A 117 -5.18 -8.51 8.99
C PHE A 117 -6.17 -7.79 8.10
N GLU A 118 -5.98 -6.49 7.94
CA GLU A 118 -6.84 -5.69 7.08
C GLU A 118 -5.94 -4.78 6.26
N LYS A 119 -6.43 -4.31 5.12
CA LYS A 119 -5.65 -3.42 4.27
C LYS A 119 -6.47 -2.21 3.86
N SER A 120 -5.92 -1.02 4.09
CA SER A 120 -6.56 0.23 3.72
C SER A 120 -5.45 1.20 3.30
N ALA A 121 -5.20 1.28 2.00
CA ALA A 121 -4.15 2.12 1.44
C ALA A 121 -4.27 3.60 1.80
N ASN A 122 -5.35 3.93 2.49
CA ASN A 122 -5.65 5.29 2.91
C ASN A 122 -5.00 5.63 4.27
N TYR A 123 -4.57 4.60 4.98
CA TYR A 123 -3.95 4.76 6.29
C TYR A 123 -2.59 5.42 6.22
N PHE A 124 -1.81 5.05 5.21
CA PHE A 124 -0.46 5.58 5.04
C PHE A 124 -0.45 7.09 5.08
N ASP A 125 -1.23 7.67 4.18
CA ASP A 125 -1.35 9.10 4.02
C ASP A 125 -2.08 9.81 5.15
N SER A 126 -2.97 9.09 5.84
CA SER A 126 -3.77 9.67 6.91
C SER A 126 -2.98 10.28 8.07
N GLU A 127 -3.40 11.48 8.46
CA GLU A 127 -2.77 12.21 9.56
C GLU A 127 -3.18 11.70 10.93
N VAL A 128 -4.45 11.33 11.05
CA VAL A 128 -5.02 10.86 12.31
C VAL A 128 -4.96 9.34 12.52
N ALA A 129 -4.93 8.59 11.43
CA ALA A 129 -4.93 7.14 11.52
C ALA A 129 -3.84 6.56 12.43
N PRO A 130 -2.59 7.04 12.34
CA PRO A 130 -1.52 6.51 13.19
C PRO A 130 -1.79 6.44 14.69
N ARG A 131 -2.18 7.56 15.29
CA ARG A 131 -2.45 7.58 16.73
C ARG A 131 -3.75 6.87 17.09
N ARG A 132 -4.73 6.97 16.20
CA ARG A 132 -6.03 6.32 16.43
C ARG A 132 -5.84 4.81 16.44
N ALA A 133 -4.99 4.34 15.53
CA ALA A 133 -4.71 2.92 15.39
C ALA A 133 -3.85 2.45 16.55
N ALA A 134 -2.86 3.27 16.92
CA ALA A 134 -1.96 2.94 18.03
C ALA A 134 -2.72 2.84 19.37
N ALA A 135 -3.76 3.66 19.52
CA ALA A 135 -4.55 3.68 20.75
C ALA A 135 -5.40 2.41 20.89
N LEU A 136 -5.95 1.93 19.78
CA LEU A 136 -6.79 0.74 19.81
C LEU A 136 -6.01 -0.56 19.70
N LEU A 137 -5.07 -0.60 18.76
CA LEU A 137 -4.25 -1.80 18.54
C LEU A 137 -2.76 -1.49 18.72
N PRO A 138 -2.35 -1.18 19.96
CA PRO A 138 -0.97 -0.84 20.32
C PRO A 138 0.08 -1.86 19.90
N LYS A 139 -0.28 -3.14 19.89
CA LYS A 139 0.66 -4.19 19.54
C LYS A 139 0.63 -4.63 18.08
N ALA A 140 -0.26 -4.04 17.31
CA ALA A 140 -0.40 -4.37 15.90
C ALA A 140 0.89 -4.20 15.11
N LYS A 141 0.98 -4.93 14.00
CA LYS A 141 2.12 -4.84 13.09
C LYS A 141 1.69 -3.86 12.02
N VAL A 142 2.62 -3.05 11.54
CA VAL A 142 2.32 -2.07 10.52
C VAL A 142 3.18 -2.34 9.29
N LEU A 143 2.51 -2.57 8.17
CA LEU A 143 3.19 -2.86 6.92
C LEU A 143 2.84 -1.83 5.85
N THR A 144 3.85 -1.38 5.12
CA THR A 144 3.69 -0.41 4.04
C THR A 144 4.50 -0.88 2.83
N ILE A 145 4.04 -0.50 1.64
CA ILE A 145 4.71 -0.88 0.40
C ILE A 145 5.11 0.35 -0.42
N LEU A 146 6.38 0.41 -0.82
CA LEU A 146 6.86 1.54 -1.60
C LEU A 146 7.39 1.18 -2.98
N ILE A 147 6.96 1.95 -3.98
CA ILE A 147 7.44 1.77 -5.34
C ILE A 147 7.92 3.16 -5.71
N ASN A 148 8.65 3.27 -6.80
CA ASN A 148 9.14 4.56 -7.23
C ASN A 148 7.94 5.50 -7.22
N PRO A 149 8.05 6.62 -6.47
CA PRO A 149 7.00 7.63 -6.36
C PRO A 149 6.42 8.15 -7.68
N ALA A 150 7.27 8.26 -8.69
CA ALA A 150 6.88 8.74 -10.02
C ALA A 150 5.90 7.77 -10.69
N ASP A 151 6.22 6.48 -10.60
CA ASP A 151 5.36 5.44 -11.17
C ASP A 151 4.10 5.31 -10.36
N ARG A 152 4.23 5.53 -9.05
CA ARG A 152 3.11 5.45 -8.13
C ARG A 152 2.13 6.59 -8.43
N ALA A 153 2.70 7.73 -8.82
CA ALA A 153 1.90 8.91 -9.17
C ALA A 153 1.22 8.65 -10.51
N TYR A 154 1.98 8.06 -11.43
CA TYR A 154 1.47 7.75 -12.77
C TYR A 154 0.32 6.74 -12.68
N SER A 155 0.49 5.74 -11.83
CA SER A 155 -0.53 4.72 -11.65
C SER A 155 -1.81 5.32 -11.10
N TRP A 156 -1.68 6.31 -10.23
CA TRP A 156 -2.86 6.92 -9.65
C TRP A 156 -3.60 7.67 -10.74
N TYR A 157 -2.84 8.40 -11.54
CA TYR A 157 -3.41 9.16 -12.65
C TYR A 157 -4.13 8.20 -13.57
N GLN A 158 -3.45 7.13 -13.95
CA GLN A 158 -4.06 6.13 -14.82
C GLN A 158 -5.28 5.52 -14.15
N HIS A 159 -5.22 5.44 -12.82
CA HIS A 159 -6.31 4.91 -12.01
C HIS A 159 -7.53 5.82 -12.08
N GLN A 160 -7.31 7.12 -11.94
CA GLN A 160 -8.42 8.07 -12.00
C GLN A 160 -9.02 8.15 -13.40
N ARG A 161 -8.21 7.90 -14.43
CA ARG A 161 -8.72 7.94 -15.79
C ARG A 161 -9.62 6.73 -15.99
N ALA A 162 -9.16 5.58 -15.51
CA ALA A 162 -9.91 4.33 -15.62
C ALA A 162 -11.29 4.47 -14.96
N HIS A 163 -11.36 5.26 -13.91
CA HIS A 163 -12.62 5.48 -13.21
C HIS A 163 -13.31 6.69 -13.82
N ASP A 164 -12.90 7.02 -15.04
CA ASP A 164 -13.44 8.13 -15.80
C ASP A 164 -13.44 9.47 -15.09
N ASP A 165 -12.37 9.77 -14.36
CA ASP A 165 -12.25 11.06 -13.67
C ASP A 165 -12.00 12.07 -14.81
N PRO A 166 -12.85 13.10 -14.91
CA PRO A 166 -12.76 14.14 -15.94
C PRO A 166 -11.47 14.96 -15.97
N VAL A 167 -10.99 15.36 -14.79
CA VAL A 167 -9.76 16.12 -14.72
C VAL A 167 -8.61 15.27 -15.22
N ALA A 168 -8.65 13.98 -14.89
CA ALA A 168 -7.63 13.03 -15.30
C ALA A 168 -7.75 12.70 -16.78
N LEU A 169 -8.98 12.75 -17.29
CA LEU A 169 -9.23 12.45 -18.69
C LEU A 169 -9.01 13.69 -19.56
N LYS A 170 -9.16 14.86 -18.94
CA LYS A 170 -9.00 16.12 -19.64
C LYS A 170 -7.56 16.57 -19.79
N TYR A 171 -6.74 16.29 -18.79
CA TYR A 171 -5.35 16.69 -18.84
C TYR A 171 -4.44 15.50 -18.99
N THR A 172 -3.27 15.71 -19.56
CA THR A 172 -2.31 14.64 -19.71
C THR A 172 -1.54 14.56 -18.40
N PHE A 173 -0.72 13.52 -18.27
CA PHE A 173 0.08 13.33 -17.06
C PHE A 173 1.01 14.49 -16.78
N HIS A 174 1.71 14.96 -17.81
CA HIS A 174 2.61 16.06 -17.63
C HIS A 174 1.89 17.31 -17.17
N GLU A 175 0.70 17.53 -17.70
CA GLU A 175 -0.08 18.70 -17.31
C GLU A 175 -0.49 18.60 -15.85
N VAL A 176 -0.72 17.38 -15.39
CA VAL A 176 -1.13 17.19 -14.00
C VAL A 176 0.01 17.45 -13.02
N ILE A 177 1.18 16.89 -13.31
CA ILE A 177 2.33 17.03 -12.42
C ILE A 177 2.99 18.40 -12.48
N THR A 178 2.73 19.13 -13.55
CA THR A 178 3.31 20.47 -13.68
C THR A 178 2.19 21.50 -13.56
N ALA A 179 1.03 21.05 -13.08
CA ALA A 179 -0.11 21.94 -12.89
C ALA A 179 0.40 23.19 -12.20
N GLY A 180 0.15 24.36 -12.79
CA GLY A 180 0.64 25.59 -12.18
C GLY A 180 -0.24 26.81 -12.14
N SER A 181 0.38 27.96 -12.37
CA SER A 181 -0.29 29.26 -12.33
C SER A 181 -1.59 29.38 -13.12
N ASP A 182 -1.74 28.60 -14.19
CA ASP A 182 -2.97 28.65 -14.99
C ASP A 182 -3.84 27.42 -14.75
N ALA A 183 -3.43 26.59 -13.79
CA ALA A 183 -4.15 25.37 -13.46
C ALA A 183 -5.36 25.62 -12.59
N SER A 184 -6.41 24.84 -12.81
CA SER A 184 -7.64 24.97 -12.06
C SER A 184 -7.49 24.38 -10.65
N SER A 185 -8.56 24.44 -9.87
CA SER A 185 -8.53 23.90 -8.51
C SER A 185 -8.60 22.38 -8.55
N LYS A 186 -9.48 21.85 -9.41
CA LYS A 186 -9.65 20.41 -9.56
C LYS A 186 -8.38 19.79 -10.13
N LEU A 187 -7.74 20.50 -11.05
CA LEU A 187 -6.52 20.01 -11.68
C LEU A 187 -5.41 20.00 -10.63
N ARG A 188 -5.40 21.05 -9.80
CA ARG A 188 -4.38 21.15 -8.76
C ARG A 188 -4.62 20.01 -7.77
N ALA A 189 -5.87 19.81 -7.38
CA ALA A 189 -6.26 18.74 -6.45
C ALA A 189 -5.80 17.37 -6.94
N LEU A 190 -5.96 17.12 -8.23
CA LEU A 190 -5.54 15.84 -8.80
C LEU A 190 -4.02 15.68 -8.70
N GLN A 191 -3.31 16.81 -8.85
CA GLN A 191 -1.84 16.82 -8.77
C GLN A 191 -1.37 16.42 -7.38
N ASN A 192 -2.04 16.96 -6.37
CA ASN A 192 -1.73 16.68 -4.98
C ASN A 192 -1.93 15.19 -4.69
N ARG A 193 -3.02 14.64 -5.23
CA ARG A 193 -3.35 13.23 -5.04
C ARG A 193 -2.37 12.30 -5.73
N CYS A 194 -1.66 12.81 -6.73
CA CYS A 194 -0.69 12.01 -7.46
C CYS A 194 0.68 12.09 -6.78
N LEU A 195 1.07 13.31 -6.43
CA LEU A 195 2.38 13.57 -5.83
C LEU A 195 2.54 13.48 -4.31
N VAL A 196 1.65 14.13 -3.55
CA VAL A 196 1.77 14.15 -2.10
C VAL A 196 1.92 12.78 -1.43
N PRO A 197 1.09 11.79 -1.80
CA PRO A 197 1.23 10.48 -1.17
C PRO A 197 2.62 9.86 -1.38
N GLY A 198 3.38 10.43 -2.32
CA GLY A 198 4.73 9.96 -2.62
C GLY A 198 5.86 10.50 -1.76
N TRP A 199 5.51 11.35 -0.78
CA TRP A 199 6.48 11.89 0.19
C TRP A 199 6.55 10.81 1.25
N TYR A 200 6.98 9.63 0.85
CA TYR A 200 7.07 8.47 1.73
C TYR A 200 7.57 8.73 3.15
N ALA A 201 8.72 9.38 3.28
CA ALA A 201 9.31 9.64 4.59
C ALA A 201 8.39 10.42 5.50
N THR A 202 7.82 11.49 4.97
CA THR A 202 6.92 12.33 5.74
C THR A 202 5.82 11.54 6.45
N HIS A 203 5.17 10.65 5.72
CA HIS A 203 4.08 9.86 6.29
C HIS A 203 4.57 8.74 7.17
N ILE A 204 5.70 8.13 6.81
CA ILE A 204 6.27 7.04 7.59
C ILE A 204 6.70 7.52 8.98
N GLU A 205 7.04 8.81 9.08
CA GLU A 205 7.44 9.38 10.36
C GLU A 205 6.22 9.45 11.30
N ARG A 206 5.05 9.77 10.74
CA ARG A 206 3.83 9.87 11.53
C ARG A 206 3.46 8.53 12.14
N TRP A 207 3.71 7.46 11.40
CA TRP A 207 3.43 6.11 11.85
C TRP A 207 4.53 5.65 12.79
N LEU A 208 5.76 6.12 12.53
CA LEU A 208 6.91 5.76 13.35
C LEU A 208 6.86 6.41 14.72
N SER A 209 6.04 7.44 14.87
CA SER A 209 5.91 8.12 16.14
C SER A 209 4.84 7.43 16.99
N ALA A 210 3.98 6.66 16.32
CA ALA A 210 2.88 5.95 16.98
C ALA A 210 3.22 4.49 17.19
N TYR A 211 4.23 4.00 16.47
CA TYR A 211 4.65 2.60 16.58
C TYR A 211 6.16 2.42 16.64
N HIS A 212 6.59 1.42 17.41
CA HIS A 212 8.01 1.12 17.54
C HIS A 212 8.51 0.65 16.18
N ALA A 213 9.78 0.85 15.92
CA ALA A 213 10.37 0.44 14.66
C ALA A 213 10.20 -1.05 14.36
N ASN A 214 10.41 -1.89 15.37
CA ASN A 214 10.29 -3.34 15.18
C ASN A 214 8.87 -3.85 14.99
N GLN A 215 7.93 -2.94 14.86
CA GLN A 215 6.53 -3.31 14.63
C GLN A 215 6.12 -2.80 13.26
N ILE A 216 7.10 -2.35 12.48
CA ILE A 216 6.85 -1.80 11.17
C ILE A 216 7.69 -2.50 10.12
N LEU A 217 7.13 -2.66 8.92
CA LEU A 217 7.84 -3.30 7.81
C LEU A 217 7.64 -2.50 6.53
N VAL A 218 8.73 -2.03 5.95
CA VAL A 218 8.64 -1.27 4.71
C VAL A 218 9.05 -2.21 3.57
N LEU A 219 8.06 -2.60 2.77
CA LEU A 219 8.29 -3.52 1.66
C LEU A 219 8.73 -2.83 0.37
N ASP A 220 9.46 -3.57 -0.44
CA ASP A 220 9.91 -3.08 -1.73
C ASP A 220 8.79 -3.41 -2.73
N GLY A 221 8.08 -2.38 -3.19
CA GLY A 221 7.00 -2.59 -4.14
C GLY A 221 7.43 -3.22 -5.45
N LYS A 222 8.66 -2.90 -5.88
CA LYS A 222 9.19 -3.44 -7.12
C LYS A 222 9.44 -4.94 -6.99
N LEU A 223 10.02 -5.34 -5.86
CA LEU A 223 10.31 -6.74 -5.61
C LEU A 223 9.01 -7.54 -5.45
N LEU A 224 7.98 -6.91 -4.89
CA LEU A 224 6.72 -7.60 -4.71
C LEU A 224 6.11 -7.98 -6.05
N ARG A 225 6.25 -7.08 -7.02
CA ARG A 225 5.70 -7.29 -8.35
C ARG A 225 6.60 -8.18 -9.20
N THR A 226 7.90 -8.03 -9.01
CA THR A 226 8.91 -8.75 -9.77
C THR A 226 9.29 -10.14 -9.21
N GLU A 227 9.30 -10.29 -7.89
CA GLU A 227 9.63 -11.54 -7.22
C GLU A 227 8.80 -11.65 -5.92
N PRO A 228 7.47 -11.77 -6.05
CA PRO A 228 6.57 -11.86 -4.90
C PRO A 228 6.93 -12.87 -3.81
N ALA A 229 7.48 -14.01 -4.21
CA ALA A 229 7.84 -15.06 -3.26
C ALA A 229 8.94 -14.63 -2.31
N LYS A 230 9.74 -13.65 -2.74
CA LYS A 230 10.83 -13.13 -1.92
C LYS A 230 10.31 -12.25 -0.80
N VAL A 231 9.33 -11.40 -1.10
CA VAL A 231 8.79 -10.52 -0.09
C VAL A 231 7.77 -11.25 0.79
N MET A 232 7.11 -12.25 0.20
CA MET A 232 6.13 -13.06 0.94
C MET A 232 6.86 -13.75 2.08
N ASP A 233 8.15 -13.96 1.85
CA ASP A 233 9.03 -14.60 2.81
C ASP A 233 9.38 -13.65 3.95
N MET A 234 9.78 -12.43 3.61
CA MET A 234 10.14 -11.41 4.59
C MET A 234 8.94 -11.08 5.46
N VAL A 235 7.76 -11.04 4.84
CA VAL A 235 6.54 -10.75 5.56
C VAL A 235 6.29 -11.86 6.60
N GLN A 236 6.30 -13.10 6.15
CA GLN A 236 6.08 -14.22 7.07
C GLN A 236 7.06 -14.12 8.23
N LYS A 237 8.33 -14.03 7.91
CA LYS A 237 9.37 -13.92 8.92
C LYS A 237 9.06 -12.78 9.86
N PHE A 238 8.58 -11.67 9.30
CA PHE A 238 8.24 -10.47 10.07
C PHE A 238 7.01 -10.65 10.96
N LEU A 239 6.10 -11.52 10.54
CA LEU A 239 4.89 -11.76 11.32
C LEU A 239 5.15 -12.82 12.39
N GLY A 240 6.32 -13.45 12.32
CA GLY A 240 6.65 -14.49 13.27
C GLY A 240 5.89 -15.77 12.89
N VAL A 241 5.72 -15.97 11.59
CA VAL A 241 5.00 -17.13 11.06
C VAL A 241 5.66 -18.45 11.47
N THR A 242 4.86 -19.30 12.11
CA THR A 242 5.28 -20.61 12.59
C THR A 242 5.59 -21.57 11.44
N ASN A 243 4.62 -21.76 10.55
CA ASN A 243 4.80 -22.64 9.41
C ASN A 243 4.88 -21.80 8.15
N THR A 244 6.10 -21.45 7.76
CA THR A 244 6.33 -20.63 6.58
C THR A 244 6.01 -21.41 5.30
N ILE A 245 5.29 -20.76 4.39
CA ILE A 245 4.94 -21.39 3.13
C ILE A 245 5.81 -20.77 2.05
N ASP A 246 6.21 -21.60 1.08
CA ASP A 246 7.07 -21.16 -0.02
C ASP A 246 6.22 -20.76 -1.22
N TYR A 247 6.18 -19.47 -1.50
CA TYR A 247 5.39 -18.96 -2.60
C TYR A 247 6.01 -19.21 -3.97
N HIS A 248 7.33 -19.35 -4.00
CA HIS A 248 8.05 -19.62 -5.24
C HIS A 248 7.34 -20.81 -5.86
N LYS A 249 7.01 -21.76 -5.00
CA LYS A 249 6.41 -23.02 -5.42
C LYS A 249 4.96 -22.94 -5.79
N THR A 250 4.26 -21.93 -5.42
CA THR A 250 2.86 -22.03 -5.74
C THR A 250 2.23 -20.69 -6.14
N LEU A 251 3.06 -19.96 -6.84
CA LEU A 251 2.74 -18.71 -7.51
C LEU A 251 3.30 -18.91 -8.91
N ALA A 252 3.07 -17.99 -9.82
CA ALA A 252 3.61 -18.18 -11.18
C ALA A 252 3.48 -16.92 -11.99
N PHE A 253 4.45 -16.68 -12.86
CA PHE A 253 4.42 -15.50 -13.70
C PHE A 253 3.50 -15.70 -14.92
N ASP A 254 2.41 -14.94 -14.98
CA ASP A 254 1.49 -15.04 -16.10
C ASP A 254 1.81 -13.98 -17.16
N PRO A 255 2.51 -14.39 -18.24
CA PRO A 255 2.92 -13.54 -19.36
C PRO A 255 1.81 -12.72 -20.03
N LYS A 256 0.64 -13.33 -20.23
CA LYS A 256 -0.46 -12.61 -20.84
C LYS A 256 -0.97 -11.58 -19.86
N LYS A 257 -0.74 -11.82 -18.57
CA LYS A 257 -1.19 -10.91 -17.53
C LYS A 257 -0.11 -9.85 -17.25
N GLY A 258 1.15 -10.26 -17.41
CA GLY A 258 2.25 -9.34 -17.17
C GLY A 258 2.59 -9.23 -15.70
N PHE A 259 2.06 -10.15 -14.90
CA PHE A 259 2.29 -10.15 -13.47
C PHE A 259 2.25 -11.57 -12.95
N TRP A 260 2.54 -11.71 -11.66
CA TRP A 260 2.49 -13.01 -10.99
C TRP A 260 1.06 -13.28 -10.59
N CYS A 261 0.71 -14.56 -10.47
CA CYS A 261 -0.64 -14.94 -10.10
C CYS A 261 -0.52 -16.19 -9.26
N GLN A 262 -1.65 -16.67 -8.77
CA GLN A 262 -1.63 -17.87 -7.96
C GLN A 262 -1.62 -19.08 -8.89
N LEU A 263 -0.68 -19.99 -8.64
CA LEU A 263 -0.57 -21.19 -9.43
C LEU A 263 -1.63 -22.20 -8.99
N LEU A 264 -2.37 -22.73 -9.96
CA LEU A 264 -3.40 -23.71 -9.66
C LEU A 264 -3.01 -25.05 -10.29
N GLU A 265 -3.97 -25.97 -10.36
CA GLU A 265 -3.70 -27.28 -10.93
C GLU A 265 -3.42 -27.27 -12.43
N GLY A 266 -2.30 -27.88 -12.81
CA GLY A 266 -1.93 -27.97 -14.21
C GLY A 266 -1.79 -26.68 -15.00
N GLY A 267 -0.69 -25.98 -14.77
CA GLY A 267 -0.42 -24.73 -15.47
C GLY A 267 -1.32 -23.53 -15.09
N LYS A 268 -2.55 -23.82 -14.79
CA LYS A 268 -3.60 -22.81 -14.52
C LYS A 268 -3.20 -21.70 -13.54
N THR A 269 -3.69 -20.50 -13.82
CA THR A 269 -3.39 -19.35 -12.96
C THR A 269 -4.64 -18.56 -12.57
N LYS A 270 -4.60 -18.01 -11.37
CA LYS A 270 -5.67 -17.19 -10.86
C LYS A 270 -5.02 -15.83 -10.57
N CYS A 271 -5.29 -14.87 -11.45
CA CYS A 271 -4.69 -13.55 -11.35
C CYS A 271 -5.59 -12.52 -10.67
N LEU A 272 -5.06 -11.31 -10.52
CA LEU A 272 -5.82 -10.21 -9.92
C LEU A 272 -6.76 -9.70 -11.02
N GLY A 273 -7.83 -9.01 -10.62
CA GLY A 273 -8.78 -8.46 -11.59
C GLY A 273 -8.24 -7.49 -12.63
N LYS A 274 -9.09 -7.16 -13.61
CA LYS A 274 -8.70 -6.26 -14.69
C LYS A 274 -8.26 -4.87 -14.24
N SER A 275 -8.76 -4.44 -13.10
CA SER A 275 -8.41 -3.11 -12.59
C SER A 275 -7.08 -3.12 -11.85
N LYS A 276 -6.45 -4.29 -11.83
CA LYS A 276 -5.16 -4.44 -11.16
C LYS A 276 -4.15 -4.84 -12.22
N GLY A 277 -3.22 -3.93 -12.51
CA GLY A 277 -2.24 -4.20 -13.55
C GLY A 277 -2.81 -3.71 -14.87
N ARG A 278 -3.35 -2.50 -14.87
CA ARG A 278 -3.94 -1.91 -16.07
C ARG A 278 -2.95 -1.74 -17.23
N LYS A 279 -3.45 -1.91 -18.44
CA LYS A 279 -2.63 -1.79 -19.63
C LYS A 279 -2.70 -0.38 -20.22
N TYR A 280 -1.63 0.37 -19.99
CA TYR A 280 -1.47 1.74 -20.45
C TYR A 280 -0.05 2.03 -20.96
N PRO A 281 0.14 3.17 -21.64
CA PRO A 281 1.44 3.57 -22.19
C PRO A 281 2.52 3.84 -21.17
N GLU A 282 3.76 3.50 -21.51
CA GLU A 282 4.86 3.76 -20.60
C GLU A 282 4.85 5.27 -20.41
N MET A 283 5.14 5.73 -19.20
CA MET A 283 5.14 7.16 -18.95
C MET A 283 6.21 7.93 -19.73
N ASP A 284 5.89 9.17 -20.09
CA ASP A 284 6.79 10.04 -20.82
C ASP A 284 8.16 10.11 -20.14
N LEU A 285 9.22 10.11 -20.94
CA LEU A 285 10.57 10.16 -20.40
C LEU A 285 10.88 11.52 -19.75
N ASP A 286 10.30 12.57 -20.29
CA ASP A 286 10.51 13.91 -19.78
C ASP A 286 9.80 14.02 -18.44
N SER A 287 8.61 13.42 -18.39
CA SER A 287 7.79 13.43 -17.19
C SER A 287 8.50 12.64 -16.10
N ARG A 288 9.08 11.52 -16.49
CA ARG A 288 9.79 10.68 -15.57
C ARG A 288 10.90 11.50 -14.95
N ALA A 289 11.78 12.03 -15.80
CA ALA A 289 12.90 12.85 -15.37
C ALA A 289 12.46 14.02 -14.49
N PHE A 290 11.40 14.70 -14.92
CA PHE A 290 10.86 15.82 -14.17
C PHE A 290 10.58 15.37 -12.74
N LEU A 291 9.94 14.22 -12.59
CA LEU A 291 9.60 13.67 -11.28
C LEU A 291 10.82 13.18 -10.55
N LYS A 292 11.81 12.70 -11.30
CA LYS A 292 13.04 12.21 -10.69
C LYS A 292 13.68 13.33 -9.88
N ASP A 293 13.67 14.53 -10.45
CA ASP A 293 14.24 15.72 -9.82
C ASP A 293 13.45 16.13 -8.60
N TYR A 294 12.14 16.16 -8.76
CA TYR A 294 11.24 16.56 -7.69
C TYR A 294 11.32 15.70 -6.40
N TYR A 295 11.53 14.40 -6.55
CA TYR A 295 11.58 13.52 -5.37
C TYR A 295 12.99 13.30 -4.82
N ARG A 296 14.00 13.64 -5.61
CA ARG A 296 15.40 13.48 -5.20
C ARG A 296 15.61 13.65 -3.69
N ASP A 297 15.20 14.79 -3.16
CA ASP A 297 15.36 15.08 -1.74
C ASP A 297 14.48 14.21 -0.84
N HIS A 298 13.22 14.00 -1.25
CA HIS A 298 12.30 13.17 -0.50
C HIS A 298 12.92 11.81 -0.39
N ASN A 299 13.50 11.36 -1.50
CA ASN A 299 14.16 10.06 -1.58
C ASN A 299 15.42 10.00 -0.73
N ILE A 300 16.09 11.13 -0.58
CA ILE A 300 17.29 11.19 0.24
C ILE A 300 16.88 10.97 1.69
N GLU A 301 15.85 11.71 2.10
CA GLU A 301 15.32 11.59 3.46
C GLU A 301 14.83 10.18 3.73
N LEU A 302 14.08 9.61 2.79
CA LEU A 302 13.56 8.26 2.93
C LEU A 302 14.68 7.26 3.21
N SER A 303 15.72 7.32 2.39
CA SER A 303 16.88 6.44 2.53
C SER A 303 17.47 6.51 3.94
N LYS A 304 17.50 7.72 4.50
CA LYS A 304 18.03 7.93 5.85
C LYS A 304 17.09 7.36 6.92
N LEU A 305 15.80 7.63 6.76
CA LEU A 305 14.78 7.17 7.69
C LEU A 305 14.72 5.65 7.76
N LEU A 306 14.62 5.01 6.60
CA LEU A 306 14.57 3.56 6.54
C LEU A 306 15.80 2.99 7.24
N TYR A 307 16.98 3.49 6.86
CA TYR A 307 18.21 3.02 7.48
C TYR A 307 18.08 3.12 8.99
N LYS A 308 17.60 4.26 9.47
CA LYS A 308 17.43 4.46 10.90
C LYS A 308 16.36 3.53 11.48
N MET A 309 15.44 3.09 10.63
CA MET A 309 14.37 2.19 11.06
C MET A 309 14.83 0.75 10.97
N GLY A 310 15.99 0.56 10.35
CA GLY A 310 16.53 -0.78 10.20
C GLY A 310 15.87 -1.55 9.07
N GLN A 311 15.31 -0.82 8.10
CA GLN A 311 14.66 -1.42 6.94
C GLN A 311 15.64 -1.43 5.78
N THR A 312 15.60 -2.47 4.94
CA THR A 312 16.49 -2.52 3.79
C THR A 312 15.95 -1.55 2.75
N LEU A 313 16.84 -0.80 2.10
CA LEU A 313 16.45 0.17 1.09
C LEU A 313 15.94 -0.52 -0.18
N PRO A 314 14.77 -0.09 -0.68
CA PRO A 314 14.22 -0.71 -1.89
C PRO A 314 15.13 -0.56 -3.10
N THR A 315 15.12 -1.60 -3.95
CA THR A 315 15.91 -1.64 -5.18
C THR A 315 15.71 -0.37 -6.00
N TRP A 316 14.46 -0.01 -6.24
CA TRP A 316 14.15 1.18 -7.00
C TRP A 316 14.80 2.42 -6.38
N LEU A 317 14.90 2.42 -5.04
CA LEU A 317 15.47 3.54 -4.32
C LEU A 317 17.00 3.65 -4.47
N ARG A 318 17.69 2.52 -4.47
CA ARG A 318 19.14 2.52 -4.63
C ARG A 318 19.50 3.04 -6.01
N GLU A 319 18.73 2.61 -7.00
CA GLU A 319 18.96 3.04 -8.38
C GLU A 319 18.74 4.54 -8.53
N ASP A 320 17.59 5.02 -8.05
CA ASP A 320 17.27 6.44 -8.14
C ASP A 320 18.31 7.31 -7.43
N LEU A 321 18.87 6.78 -6.35
CA LEU A 321 19.85 7.51 -5.55
C LEU A 321 21.26 7.52 -6.14
N GLN A 322 21.53 6.66 -7.11
CA GLN A 322 22.85 6.62 -7.72
C GLN A 322 22.98 7.66 -8.83
P1 A3P B . -1.21 -0.65 -12.25
O1P A3P B . -0.15 -1.38 -13.08
O2P A3P B . -1.09 0.93 -12.33
O3P A3P B . -2.62 -1.06 -12.73
P2 A3P B . -3.07 -1.26 -5.38
O4P A3P B . -2.38 -0.65 -4.21
O5P A3P B . -3.73 -2.53 -5.08
O6P A3P B . -4.11 -0.22 -5.88
O5' A3P B . -2.01 -1.54 -6.48
C5' A3P B . -2.27 -1.86 -7.80
C4' A3P B . -0.98 -1.96 -8.57
O4' A3P B . -0.16 -3.06 -8.05
C3' A3P B . -1.03 -2.23 -10.02
O3' A3P B . -1.52 -1.20 -10.80
C2' A3P B . 0.27 -3.08 -10.47
O2' A3P B . 1.36 -2.44 -11.13
C1' A3P B . 0.66 -3.70 -9.07
N9 A3P B . 0.70 -5.18 -8.95
C8 A3P B . 1.68 -5.72 -8.18
N7 A3P B . 1.67 -7.00 -8.11
C5 A3P B . 0.62 -7.36 -8.89
C6 A3P B . 0.08 -8.64 -9.25
N6 A3P B . 0.57 -9.78 -8.84
N1 A3P B . -1.01 -8.64 -10.09
C2 A3P B . -1.56 -7.47 -10.54
N3 A3P B . -1.14 -6.24 -10.27
C4 A3P B . -0.03 -6.25 -9.43
#